data_3N7H
#
_entry.id   3N7H
#
_cell.length_a   55.930
_cell.length_b   63.540
_cell.length_c   68.110
_cell.angle_alpha   90.00
_cell.angle_beta   90.00
_cell.angle_gamma   90.00
#
_symmetry.space_group_name_H-M   'P 21 2 21'
#
loop_
_entity.id
_entity.type
_entity.pdbx_description
1 polymer 'Odorant binding protein'
2 non-polymer 'MAGNESIUM ION'
3 non-polymer METHANOL
4 non-polymer N,N-diethyl-3-methylbenzamide
5 non-polymer 2,5,8,11,14,17,20,23,26,29,32,35,38,41,44,47,50,53,56,59,62,65,68,71,74,77,80-HEPTACOSAOXADOOCTACONTAN-82-OL
6 non-polymer 'CHLORIDE ION'
7 water water
#
_entity_poly.entity_id   1
_entity_poly.type   'polypeptide(L)'
_entity_poly.pdbx_seq_one_letter_code
;DTTPRRDAEYPPPELLEALKPLHDICLGKTGVTEEAIKKFSDEEIHEDEKLKCYMNCLFHEAKVVDDNGDVHLEKLHDSL
PSSMHDIAMHMGKRCLYPEGETLCDKAFWLHKCWKQSDPKHYFLV
;
_entity_poly.pdbx_strand_id   A,B
#
loop_
_chem_comp.id
_chem_comp.type
_chem_comp.name
_chem_comp.formula
CL non-polymer 'CHLORIDE ION' 'Cl -1'
DE3 non-polymer N,N-diethyl-3-methylbenzamide 'C12 H17 N O'
MG non-polymer 'MAGNESIUM ION' 'Mg 2'
MOH non-polymer METHANOL 'C H4 O'
PEU non-polymer 2,5,8,11,14,17,20,23,26,29,32,35,38,41,44,47,50,53,56,59,62,65,68,71,74,77,80-HEPTACOSAOXADOOCTACONTAN-82-OL 'C55 H112 O28'
#
# COMPACT_ATOMS: atom_id res chain seq x y z
N ASP A 1 -14.78 14.25 10.87
CA ASP A 1 -16.03 13.62 10.36
C ASP A 1 -15.91 12.09 10.32
N THR A 2 -16.59 11.45 11.28
CA THR A 2 -16.49 9.99 11.48
C THR A 2 -17.81 9.26 11.21
N THR A 3 -18.86 10.02 10.89
CA THR A 3 -20.18 9.45 10.58
C THR A 3 -20.22 8.91 9.14
N PRO A 4 -20.75 7.69 8.94
CA PRO A 4 -20.86 7.10 7.59
C PRO A 4 -21.56 8.01 6.57
N ARG A 5 -20.88 8.27 5.46
CA ARG A 5 -21.48 9.04 4.36
C ARG A 5 -22.36 8.14 3.51
N ARG A 6 -23.66 8.47 3.47
CA ARG A 6 -24.62 7.69 2.72
C ARG A 6 -25.60 8.62 2.02
N ASP A 7 -25.41 8.82 0.73
CA ASP A 7 -26.27 9.72 -0.05
C ASP A 7 -26.37 9.23 -1.49
N ALA A 8 -27.04 9.99 -2.36
CA ALA A 8 -27.23 9.55 -3.75
C ALA A 8 -25.91 9.40 -4.52
N GLU A 9 -24.86 10.03 -4.03
CA GLU A 9 -23.56 10.02 -4.73
C GLU A 9 -22.56 9.03 -4.15
N TYR A 10 -22.61 8.84 -2.84
CA TYR A 10 -21.68 7.97 -2.16
C TYR A 10 -22.40 7.05 -1.16
N PRO A 11 -22.12 5.72 -1.19
CA PRO A 11 -21.22 5.00 -2.09
C PRO A 11 -21.63 5.14 -3.54
N PRO A 12 -20.65 5.07 -4.47
CA PRO A 12 -20.95 5.22 -5.89
C PRO A 12 -21.98 4.19 -6.35
N PRO A 13 -23.11 4.65 -6.93
CA PRO A 13 -24.21 3.76 -7.33
C PRO A 13 -23.77 2.67 -8.31
N GLU A 14 -22.83 3.00 -9.20
CA GLU A 14 -22.37 2.00 -10.16
C GLU A 14 -21.59 0.85 -9.49
N LEU A 15 -20.89 1.16 -8.40
CA LEU A 15 -20.21 0.13 -7.60
C LEU A 15 -21.20 -0.75 -6.84
N LEU A 16 -22.20 -0.13 -6.22
CA LEU A 16 -23.25 -0.88 -5.54
C LEU A 16 -23.92 -1.84 -6.53
N GLU A 17 -24.16 -1.36 -7.75
N GLU A 17 -24.16 -1.36 -7.75
CA GLU A 17 -24.78 -2.19 -8.78
CA GLU A 17 -24.78 -2.19 -8.78
C GLU A 17 -23.92 -3.39 -9.12
C GLU A 17 -23.92 -3.40 -9.11
N ALA A 18 -22.63 -3.17 -9.30
CA ALA A 18 -21.69 -4.23 -9.69
C ALA A 18 -21.56 -5.24 -8.55
N LEU A 19 -21.64 -4.76 -7.31
CA LEU A 19 -21.54 -5.65 -6.13
C LEU A 19 -22.74 -6.57 -5.88
N LYS A 20 -23.91 -6.16 -6.38
CA LYS A 20 -25.15 -6.90 -6.14
C LYS A 20 -25.08 -8.40 -6.45
N PRO A 21 -24.63 -8.78 -7.65
CA PRO A 21 -24.52 -10.21 -7.98
C PRO A 21 -23.51 -10.95 -7.09
N LEU A 22 -22.45 -10.26 -6.71
CA LEU A 22 -21.42 -10.85 -5.84
C LEU A 22 -21.97 -11.05 -4.43
N HIS A 23 -22.73 -10.08 -3.96
CA HIS A 23 -23.46 -10.19 -2.69
C HIS A 23 -24.35 -11.45 -2.71
N ASP A 24 -25.09 -11.64 -3.79
CA ASP A 24 -26.03 -12.78 -3.87
C ASP A 24 -25.27 -14.11 -3.77
N ILE A 25 -24.17 -14.20 -4.52
CA ILE A 25 -23.33 -15.40 -4.50
C ILE A 25 -22.78 -15.65 -3.10
N CYS A 26 -22.20 -14.61 -2.51
CA CYS A 26 -21.42 -14.75 -1.30
C CYS A 26 -22.29 -14.92 -0.05
N LEU A 27 -23.45 -14.29 -0.04
CA LEU A 27 -24.37 -14.53 1.07
C LEU A 27 -24.85 -15.98 1.05
N GLY A 28 -25.15 -16.49 -0.14
CA GLY A 28 -25.53 -17.89 -0.34
C GLY A 28 -24.45 -18.85 0.12
N LYS A 29 -23.19 -18.50 -0.16
CA LYS A 29 -22.06 -19.37 0.18
CA LYS A 29 -22.06 -19.37 0.18
C LYS A 29 -21.77 -19.39 1.68
N THR A 30 -21.92 -18.23 2.33
CA THR A 30 -21.40 -18.06 3.70
C THR A 30 -22.41 -18.06 4.83
N GLY A 31 -23.66 -17.78 4.50
CA GLY A 31 -24.72 -17.83 5.49
C GLY A 31 -24.81 -16.61 6.37
N VAL A 32 -24.06 -15.55 6.03
CA VAL A 32 -24.22 -14.25 6.71
C VAL A 32 -25.64 -13.71 6.51
N THR A 33 -26.09 -12.87 7.44
CA THR A 33 -27.39 -12.20 7.26
C THR A 33 -27.23 -10.83 6.62
N GLU A 34 -28.31 -10.40 5.97
CA GLU A 34 -28.40 -9.04 5.45
C GLU A 34 -28.16 -8.05 6.57
N GLU A 35 -28.73 -8.32 7.76
CA GLU A 35 -28.60 -7.42 8.90
C GLU A 35 -27.16 -7.25 9.37
N ALA A 36 -26.40 -8.36 9.39
CA ALA A 36 -25.01 -8.32 9.85
C ALA A 36 -24.15 -7.44 8.93
N ILE A 37 -24.42 -7.52 7.63
CA ILE A 37 -23.67 -6.71 6.66
C ILE A 37 -23.93 -5.22 6.88
N LYS A 38 -25.22 -4.87 7.00
CA LYS A 38 -25.65 -3.50 7.22
CA LYS A 38 -25.65 -3.50 7.22
C LYS A 38 -25.10 -2.94 8.53
N LYS A 39 -25.09 -3.77 9.57
CA LYS A 39 -24.56 -3.35 10.88
C LYS A 39 -23.07 -3.02 10.75
N PHE A 40 -22.31 -3.90 10.10
CA PHE A 40 -20.88 -3.61 9.95
C PHE A 40 -20.64 -2.38 9.08
N SER A 41 -21.42 -2.25 8.00
CA SER A 41 -21.26 -1.11 7.11
C SER A 41 -21.49 0.23 7.82
N ASP A 42 -22.61 0.31 8.54
CA ASP A 42 -23.14 1.61 8.95
C ASP A 42 -23.07 1.92 10.42
N GLU A 43 -22.90 0.89 11.26
N GLU A 43 -22.98 0.87 11.24
CA GLU A 43 -23.14 1.05 12.71
CA GLU A 43 -22.95 1.07 12.65
C GLU A 43 -21.91 0.89 13.62
C GLU A 43 -21.55 0.73 13.09
N GLU A 44 -21.45 -0.34 13.86
CA GLU A 44 -20.24 -0.59 14.60
CA GLU A 44 -20.24 -0.62 14.62
C GLU A 44 -19.52 -1.83 14.08
N ILE A 45 -18.21 -1.88 14.35
CA ILE A 45 -17.44 -3.09 14.12
C ILE A 45 -18.04 -4.17 15.02
N HIS A 46 -18.25 -5.36 14.45
CA HIS A 46 -18.69 -6.51 15.23
C HIS A 46 -18.09 -7.77 14.61
N GLU A 47 -18.04 -8.91 15.34
N GLU A 47 -17.94 -8.79 15.44
CA GLU A 47 -17.25 -10.11 14.92
CA GLU A 47 -17.37 -10.03 15.01
C GLU A 47 -17.89 -11.42 14.52
C GLU A 47 -18.52 -11.04 14.85
N ASP A 48 -18.82 -11.33 13.59
CA ASP A 48 -19.69 -12.43 13.20
C ASP A 48 -18.80 -13.29 12.29
N GLU A 49 -18.63 -14.58 12.60
CA GLU A 49 -17.71 -15.42 11.82
C GLU A 49 -18.15 -15.61 10.36
N LYS A 50 -19.47 -15.64 10.12
CA LYS A 50 -19.97 -15.79 8.74
C LYS A 50 -19.79 -14.51 7.94
N LEU A 51 -19.94 -13.37 8.60
CA LEU A 51 -19.59 -12.09 7.99
C LEU A 51 -18.13 -12.07 7.53
N LYS A 52 -17.25 -12.58 8.38
CA LYS A 52 -15.83 -12.58 8.01
C LYS A 52 -15.64 -13.37 6.72
N CYS A 53 -16.33 -14.50 6.61
CA CYS A 53 -16.20 -15.29 5.40
C CYS A 53 -16.91 -14.66 4.21
N TYR A 54 -18.04 -13.98 4.47
CA TYR A 54 -18.67 -13.15 3.41
C TYR A 54 -17.66 -12.15 2.81
N MET A 55 -16.92 -11.48 3.69
CA MET A 55 -15.91 -10.51 3.29
C MET A 55 -14.85 -11.18 2.42
N ASN A 56 -14.37 -12.33 2.87
CA ASN A 56 -13.42 -13.09 2.04
C ASN A 56 -14.00 -13.48 0.67
N CYS A 57 -15.26 -13.90 0.67
CA CYS A 57 -15.90 -14.35 -0.54
C CYS A 57 -15.98 -13.21 -1.57
N LEU A 58 -16.28 -11.99 -1.11
CA LEU A 58 -16.40 -10.87 -2.06
C LEU A 58 -15.08 -10.66 -2.78
N PHE A 59 -13.95 -10.78 -2.05
CA PHE A 59 -12.63 -10.58 -2.64
C PHE A 59 -12.37 -11.63 -3.70
N HIS A 60 -12.73 -12.88 -3.42
CA HIS A 60 -12.59 -13.98 -4.38
C HIS A 60 -13.47 -13.77 -5.62
N GLU A 61 -14.74 -13.48 -5.40
CA GLU A 61 -15.66 -13.31 -6.55
C GLU A 61 -15.32 -12.10 -7.38
N ALA A 62 -14.75 -11.09 -6.74
CA ALA A 62 -14.35 -9.88 -7.45
C ALA A 62 -13.02 -10.05 -8.18
N LYS A 63 -12.37 -11.19 -7.96
CA LYS A 63 -11.07 -11.51 -8.55
C LYS A 63 -10.02 -10.46 -8.16
N VAL A 64 -9.96 -10.15 -6.87
CA VAL A 64 -8.94 -9.27 -6.36
C VAL A 64 -8.06 -9.99 -5.34
N VAL A 65 -7.86 -11.28 -5.60
CA VAL A 65 -6.99 -12.10 -4.76
C VAL A 65 -5.80 -12.66 -5.54
N ASP A 66 -4.76 -13.03 -4.81
CA ASP A 66 -3.61 -13.70 -5.42
C ASP A 66 -3.88 -15.20 -5.54
N ASP A 67 -2.86 -15.95 -5.96
CA ASP A 67 -3.01 -17.37 -6.27
C ASP A 67 -3.38 -18.21 -5.03
N ASN A 68 -3.18 -17.64 -3.85
CA ASN A 68 -3.48 -18.31 -2.58
C ASN A 68 -4.75 -17.79 -1.90
N GLY A 69 -5.43 -16.89 -2.58
CA GLY A 69 -6.69 -16.32 -2.09
C GLY A 69 -6.51 -15.14 -1.15
N ASP A 70 -5.27 -14.72 -0.93
CA ASP A 70 -5.01 -13.50 -0.15
C ASP A 70 -5.33 -12.24 -0.95
N VAL A 71 -5.79 -11.20 -0.27
CA VAL A 71 -6.19 -10.00 -0.97
C VAL A 71 -5.00 -9.35 -1.67
N HIS A 72 -5.20 -8.95 -2.93
CA HIS A 72 -4.14 -8.31 -3.68
C HIS A 72 -4.56 -6.85 -3.76
N LEU A 73 -3.92 -6.00 -2.96
CA LEU A 73 -4.45 -4.66 -2.76
C LEU A 73 -4.39 -3.81 -4.04
N GLU A 74 -3.45 -4.10 -4.93
CA GLU A 74 -3.37 -3.35 -6.19
C GLU A 74 -4.55 -3.70 -7.09
N LYS A 75 -4.82 -5.00 -7.21
N LYS A 75 -4.84 -4.99 -7.21
CA LYS A 75 -5.98 -5.48 -7.97
CA LYS A 75 -5.98 -5.44 -8.00
C LYS A 75 -7.27 -4.86 -7.44
C LYS A 75 -7.29 -4.88 -7.45
N LEU A 76 -7.40 -4.83 -6.12
CA LEU A 76 -8.57 -4.21 -5.49
C LEU A 76 -8.68 -2.72 -5.83
N HIS A 77 -7.57 -1.98 -5.72
CA HIS A 77 -7.56 -0.57 -6.03
C HIS A 77 -8.01 -0.32 -7.47
N ASP A 78 -7.52 -1.16 -8.40
CA ASP A 78 -7.92 -1.05 -9.81
C ASP A 78 -9.39 -1.36 -10.09
N SER A 79 -10.02 -2.11 -9.19
CA SER A 79 -11.42 -2.51 -9.35
CA SER A 79 -11.42 -2.50 -9.35
C SER A 79 -12.38 -1.42 -8.89
N LEU A 80 -11.84 -0.40 -8.24
CA LEU A 80 -12.69 0.67 -7.70
C LEU A 80 -12.79 1.82 -8.67
N PRO A 81 -13.93 2.52 -8.68
CA PRO A 81 -14.05 3.72 -9.52
C PRO A 81 -13.07 4.79 -9.10
N SER A 82 -12.61 5.61 -10.07
CA SER A 82 -11.65 6.71 -9.81
CA SER A 82 -11.62 6.66 -9.76
C SER A 82 -12.11 7.60 -8.67
N SER A 83 -13.43 7.81 -8.58
CA SER A 83 -13.99 8.67 -7.53
C SER A 83 -13.61 8.21 -6.11
N MET A 84 -13.29 6.93 -5.96
CA MET A 84 -12.86 6.38 -4.66
C MET A 84 -11.37 6.16 -4.49
N HIS A 85 -10.59 6.50 -5.51
N HIS A 85 -10.58 6.48 -5.53
CA HIS A 85 -9.18 6.12 -5.48
CA HIS A 85 -9.17 6.11 -5.52
C HIS A 85 -8.43 6.73 -4.33
C HIS A 85 -8.35 6.75 -4.40
N ASP A 86 -8.60 8.04 -4.14
CA ASP A 86 -7.90 8.77 -3.07
C ASP A 86 -8.37 8.36 -1.69
N ILE A 87 -9.69 8.26 -1.54
CA ILE A 87 -10.27 7.78 -0.29
C ILE A 87 -9.70 6.40 0.06
N ALA A 88 -9.64 5.50 -0.92
CA ALA A 88 -9.15 4.16 -0.66
C ALA A 88 -7.68 4.11 -0.26
N MET A 89 -6.87 4.95 -0.94
N MET A 89 -6.87 4.96 -0.90
CA MET A 89 -5.44 5.10 -0.64
CA MET A 89 -5.44 5.00 -0.60
C MET A 89 -5.21 5.39 0.84
C MET A 89 -5.16 5.43 0.84
N HIS A 90 -5.89 6.42 1.34
CA HIS A 90 -5.73 6.86 2.72
C HIS A 90 -6.30 5.85 3.69
N MET A 91 -7.44 5.28 3.31
CA MET A 91 -8.09 4.26 4.10
C MET A 91 -7.20 3.03 4.28
N GLY A 92 -6.41 2.70 3.26
CA GLY A 92 -5.56 1.50 3.33
C GLY A 92 -4.10 1.68 3.68
N LYS A 93 -3.65 2.91 3.88
CA LYS A 93 -2.21 3.16 3.97
C LYS A 93 -1.60 2.56 5.24
N ARG A 94 -2.42 2.32 6.25
CA ARG A 94 -1.93 1.61 7.41
C ARG A 94 -2.65 0.28 7.61
N CYS A 95 -3.08 -0.31 6.49
CA CYS A 95 -3.78 -1.59 6.47
C CYS A 95 -3.16 -2.50 5.41
N LEU A 96 -1.84 -2.45 5.26
CA LEU A 96 -1.23 -3.14 4.13
C LEU A 96 -1.06 -4.63 4.34
N TYR A 97 -0.95 -5.03 5.59
CA TYR A 97 -0.47 -6.38 5.90
C TYR A 97 -1.40 -7.16 6.82
N PRO A 98 -2.43 -7.78 6.24
CA PRO A 98 -3.45 -8.40 7.08
C PRO A 98 -2.92 -9.52 7.99
N GLU A 99 -3.51 -9.62 9.18
CA GLU A 99 -3.17 -10.64 10.16
C GLU A 99 -4.37 -11.56 10.34
N GLY A 100 -4.07 -12.84 10.53
CA GLY A 100 -5.13 -13.83 10.81
C GLY A 100 -4.79 -15.22 10.31
N GLU A 101 -5.41 -16.21 10.92
CA GLU A 101 -5.13 -17.62 10.62
C GLU A 101 -5.77 -17.99 9.28
N THR A 102 -7.06 -17.67 9.12
CA THR A 102 -7.78 -18.06 7.92
C THR A 102 -7.95 -16.89 6.94
N LEU A 103 -8.36 -17.23 5.73
CA LEU A 103 -8.68 -16.20 4.74
C LEU A 103 -9.84 -15.30 5.20
N CYS A 104 -10.84 -15.90 5.87
CA CYS A 104 -11.87 -15.10 6.51
C CYS A 104 -11.29 -14.18 7.56
N ASP A 105 -10.33 -14.66 8.37
CA ASP A 105 -9.74 -13.80 9.41
C ASP A 105 -9.05 -12.59 8.80
N LYS A 106 -8.26 -12.84 7.77
CA LYS A 106 -7.53 -11.78 7.10
C LYS A 106 -8.44 -10.79 6.39
N ALA A 107 -9.54 -11.29 5.83
CA ALA A 107 -10.47 -10.41 5.15
C ALA A 107 -11.15 -9.50 6.17
N PHE A 108 -11.58 -10.06 7.29
CA PHE A 108 -12.13 -9.27 8.39
C PHE A 108 -11.11 -8.25 8.92
N TRP A 109 -9.87 -8.70 9.09
CA TRP A 109 -8.81 -7.79 9.54
C TRP A 109 -8.75 -6.52 8.65
N LEU A 110 -8.84 -6.71 7.33
CA LEU A 110 -8.81 -5.60 6.38
C LEU A 110 -10.00 -4.67 6.54
N HIS A 111 -11.20 -5.24 6.54
CA HIS A 111 -12.42 -4.46 6.68
C HIS A 111 -12.45 -3.67 7.97
N LYS A 112 -12.11 -4.34 9.08
CA LYS A 112 -11.98 -3.65 10.35
C LYS A 112 -10.95 -2.52 10.26
N CYS A 113 -9.79 -2.80 9.67
CA CYS A 113 -8.73 -1.78 9.59
C CYS A 113 -9.18 -0.56 8.76
N TRP A 114 -9.89 -0.82 7.66
CA TRP A 114 -10.39 0.23 6.81
C TRP A 114 -11.44 1.05 7.56
N LYS A 115 -12.35 0.35 8.24
CA LYS A 115 -13.41 1.03 8.99
C LYS A 115 -12.85 1.87 10.12
N GLN A 116 -11.82 1.36 10.81
CA GLN A 116 -11.13 2.18 11.83
C GLN A 116 -10.46 3.40 11.22
N SER A 117 -9.90 3.23 10.03
CA SER A 117 -9.15 4.31 9.37
C SER A 117 -10.03 5.45 8.84
N ASP A 118 -11.20 5.10 8.31
CA ASP A 118 -12.09 6.10 7.71
C ASP A 118 -13.53 5.61 7.79
N PRO A 119 -14.13 5.72 8.99
CA PRO A 119 -15.50 5.23 9.10
C PRO A 119 -16.52 6.04 8.32
N LYS A 120 -16.17 7.24 7.89
CA LYS A 120 -17.07 8.00 7.02
C LYS A 120 -17.29 7.32 5.67
N HIS A 121 -16.20 6.89 5.04
CA HIS A 121 -16.26 6.36 3.70
C HIS A 121 -16.29 4.84 3.65
N TYR A 122 -15.90 4.19 4.74
CA TYR A 122 -16.01 2.74 4.76
C TYR A 122 -17.47 2.34 4.58
N PHE A 123 -17.72 1.30 3.78
CA PHE A 123 -19.05 0.70 3.66
C PHE A 123 -18.87 -0.76 3.27
N LEU A 124 -19.95 -1.51 3.45
CA LEU A 124 -19.99 -2.90 3.02
C LEU A 124 -21.39 -3.14 2.53
N VAL A 125 -21.51 -3.85 1.41
CA VAL A 125 -22.82 -4.19 0.93
C VAL A 125 -22.86 -5.66 0.57
N ASP B 1 5.49 15.73 -16.11
CA ASP B 1 6.96 15.99 -16.26
C ASP B 1 7.78 14.94 -15.52
N THR B 2 8.83 14.47 -16.19
CA THR B 2 9.67 13.40 -15.67
C THR B 2 11.06 13.85 -15.20
N THR B 3 11.39 15.14 -15.36
CA THR B 3 12.70 15.64 -14.94
C THR B 3 12.85 15.59 -13.41
N PRO B 4 13.94 14.98 -12.91
CA PRO B 4 14.09 14.90 -11.46
C PRO B 4 14.02 16.28 -10.83
N ARG B 5 13.22 16.40 -9.78
CA ARG B 5 13.15 17.64 -9.03
C ARG B 5 14.24 17.66 -7.99
N ARG B 6 15.15 18.62 -8.12
CA ARG B 6 16.25 18.80 -7.16
C ARG B 6 16.41 20.28 -6.84
N ASP B 7 15.93 20.69 -5.68
CA ASP B 7 16.03 22.08 -5.27
C ASP B 7 16.12 22.16 -3.76
N ALA B 8 16.05 23.38 -3.21
CA ALA B 8 16.22 23.58 -1.77
C ALA B 8 15.13 22.96 -0.90
N GLU B 9 13.93 22.75 -1.45
CA GLU B 9 12.83 22.13 -0.70
C GLU B 9 12.65 20.64 -0.95
N TYR B 10 13.10 20.16 -2.12
CA TYR B 10 12.92 18.75 -2.47
C TYR B 10 14.14 18.17 -3.18
N PRO B 11 14.63 16.99 -2.75
CA PRO B 11 14.20 16.15 -1.61
C PRO B 11 14.31 16.89 -0.29
N PRO B 12 13.43 16.56 0.68
CA PRO B 12 13.43 17.25 1.98
C PRO B 12 14.83 17.23 2.60
N PRO B 13 15.39 18.41 2.92
CA PRO B 13 16.76 18.45 3.47
C PRO B 13 16.95 17.56 4.70
N GLU B 14 15.94 17.47 5.54
CA GLU B 14 16.06 16.67 6.76
C GLU B 14 16.23 15.19 6.45
N LEU B 15 15.61 14.75 5.35
CA LEU B 15 15.75 13.36 4.94
C LEU B 15 17.14 13.15 4.35
N LEU B 16 17.58 14.04 3.47
CA LEU B 16 18.94 14.00 2.96
C LEU B 16 19.97 13.93 4.09
N GLU B 17 19.78 14.73 5.14
CA GLU B 17 20.74 14.75 6.24
C GLU B 17 20.71 13.44 7.03
N ALA B 18 19.50 12.93 7.28
CA ALA B 18 19.33 11.69 8.00
C ALA B 18 19.96 10.52 7.25
N LEU B 19 19.93 10.58 5.92
CA LEU B 19 20.43 9.47 5.11
CA LEU B 19 20.43 9.49 5.07
C LEU B 19 21.95 9.45 4.99
N LYS B 20 22.60 10.59 5.21
CA LYS B 20 24.06 10.71 5.05
CA LYS B 20 24.06 10.68 5.03
C LYS B 20 24.85 9.60 5.80
N PRO B 21 24.59 9.43 7.11
CA PRO B 21 25.34 8.37 7.80
C PRO B 21 25.01 6.95 7.31
N LEU B 22 23.76 6.72 6.91
N LEU B 22 23.76 6.71 6.91
CA LEU B 22 23.36 5.43 6.36
CA LEU B 22 23.38 5.42 6.35
C LEU B 22 24.06 5.18 5.02
C LEU B 22 24.08 5.17 5.02
N HIS B 23 24.19 6.22 4.20
CA HIS B 23 24.95 6.16 2.96
C HIS B 23 26.38 5.71 3.27
N ASP B 24 27.02 6.38 4.24
CA ASP B 24 28.40 6.03 4.57
C ASP B 24 28.52 4.56 4.96
N ILE B 25 27.61 4.10 5.82
CA ILE B 25 27.59 2.71 6.24
C ILE B 25 27.46 1.79 5.06
N CYS B 26 26.48 2.07 4.19
CA CYS B 26 26.07 1.10 3.19
C CYS B 26 26.98 1.11 1.99
N LEU B 27 27.51 2.29 1.63
CA LEU B 27 28.48 2.37 0.53
C LEU B 27 29.75 1.68 0.99
N GLY B 28 30.13 1.86 2.26
CA GLY B 28 31.29 1.16 2.82
C GLY B 28 31.16 -0.35 2.71
N LYS B 29 30.00 -0.86 3.09
CA LYS B 29 29.76 -2.30 3.13
C LYS B 29 29.70 -2.94 1.74
N THR B 30 29.07 -2.25 0.80
CA THR B 30 28.74 -2.85 -0.51
C THR B 30 29.79 -2.56 -1.56
N GLY B 31 30.51 -1.45 -1.40
CA GLY B 31 31.47 -1.05 -2.42
C GLY B 31 30.82 -0.52 -3.67
N VAL B 32 29.54 -0.19 -3.61
CA VAL B 32 28.91 0.58 -4.71
C VAL B 32 29.64 1.93 -4.90
N THR B 33 29.58 2.48 -6.11
CA THR B 33 30.16 3.80 -6.34
C THR B 33 29.15 4.90 -6.08
N GLU B 34 29.64 6.09 -5.72
CA GLU B 34 28.78 7.26 -5.61
C GLU B 34 28.14 7.53 -6.96
N GLU B 35 28.91 7.32 -8.03
CA GLU B 35 28.43 7.57 -9.39
C GLU B 35 27.19 6.73 -9.71
N ALA B 36 27.20 5.47 -9.29
CA ALA B 36 26.12 4.55 -9.60
C ALA B 36 24.87 5.00 -8.85
N ILE B 37 25.06 5.46 -7.61
CA ILE B 37 23.94 6.01 -6.81
C ILE B 37 23.38 7.25 -7.50
N LYS B 38 24.25 8.20 -7.87
CA LYS B 38 23.79 9.43 -8.52
C LYS B 38 23.08 9.16 -9.85
N LYS B 39 23.59 8.22 -10.64
N LYS B 39 23.59 8.21 -10.65
CA LYS B 39 22.99 7.91 -11.94
CA LYS B 39 22.99 7.91 -11.94
C LYS B 39 21.60 7.32 -11.73
C LYS B 39 21.60 7.31 -11.74
N PHE B 40 21.46 6.45 -10.74
CA PHE B 40 20.17 5.85 -10.47
C PHE B 40 19.19 6.92 -10.00
N SER B 41 19.69 7.85 -9.19
CA SER B 41 18.85 8.91 -8.66
C SER B 41 18.33 9.83 -9.77
N ASP B 42 19.26 10.31 -10.60
CA ASP B 42 19.00 11.47 -11.45
C ASP B 42 18.92 11.16 -12.92
N GLU B 43 19.45 10.00 -13.31
CA GLU B 43 19.52 9.64 -14.73
C GLU B 43 18.70 8.36 -14.98
N GLU B 44 19.23 7.46 -15.80
N GLU B 44 19.22 7.46 -15.82
CA GLU B 44 18.47 6.29 -16.21
CA GLU B 44 18.46 6.28 -16.22
C GLU B 44 18.51 5.18 -15.16
C GLU B 44 18.50 5.18 -15.16
N ILE B 45 17.43 4.40 -15.10
CA ILE B 45 17.40 3.15 -14.35
C ILE B 45 18.53 2.29 -14.92
N HIS B 46 19.34 1.73 -14.05
CA HIS B 46 20.43 0.88 -14.48
C HIS B 46 20.65 -0.28 -13.53
N GLU B 47 21.35 -1.30 -14.04
CA GLU B 47 21.63 -2.54 -13.31
C GLU B 47 23.04 -2.55 -12.70
N ASP B 48 23.11 -2.71 -11.39
CA ASP B 48 24.39 -2.73 -10.68
C ASP B 48 24.12 -3.54 -9.45
N GLU B 49 24.75 -4.69 -9.35
CA GLU B 49 24.44 -5.59 -8.24
C GLU B 49 24.80 -5.01 -6.88
N LYS B 50 25.91 -4.28 -6.79
CA LYS B 50 26.26 -3.65 -5.52
C LYS B 50 25.25 -2.57 -5.15
N LEU B 51 24.75 -1.84 -6.15
CA LEU B 51 23.71 -0.85 -5.91
C LEU B 51 22.46 -1.50 -5.33
N LYS B 52 22.10 -2.69 -5.84
CA LYS B 52 20.91 -3.37 -5.34
C LYS B 52 21.08 -3.66 -3.85
N CYS B 53 22.27 -4.12 -3.48
CA CYS B 53 22.51 -4.42 -2.09
C CYS B 53 22.67 -3.16 -1.24
N TYR B 54 23.18 -2.10 -1.87
CA TYR B 54 23.21 -0.78 -1.23
C TYR B 54 21.78 -0.37 -0.88
N MET B 55 20.85 -0.52 -1.83
CA MET B 55 19.43 -0.22 -1.54
C MET B 55 18.89 -1.07 -0.38
N ASN B 56 19.17 -2.38 -0.39
CA ASN B 56 18.76 -3.23 0.74
C ASN B 56 19.36 -2.76 2.06
N CYS B 57 20.64 -2.42 2.04
CA CYS B 57 21.34 -1.96 3.21
C CYS B 57 20.67 -0.71 3.81
N LEU B 58 20.26 0.24 2.97
CA LEU B 58 19.61 1.46 3.50
C LEU B 58 18.32 1.10 4.24
N PHE B 59 17.54 0.19 3.67
CA PHE B 59 16.31 -0.22 4.33
C PHE B 59 16.58 -0.85 5.69
N HIS B 60 17.60 -1.71 5.74
N HIS B 60 17.60 -1.71 5.73
CA HIS B 60 17.95 -2.39 6.99
CA HIS B 60 17.97 -2.40 6.98
C HIS B 60 18.45 -1.40 8.05
C HIS B 60 18.45 -1.41 8.04
N GLU B 61 19.36 -0.52 7.63
CA GLU B 61 19.93 0.46 8.53
C GLU B 61 18.92 1.48 9.03
N ALA B 62 17.93 1.80 8.19
CA ALA B 62 16.85 2.70 8.59
C ALA B 62 15.77 2.04 9.44
N LYS B 63 15.86 0.73 9.64
CA LYS B 63 14.89 -0.03 10.45
C LYS B 63 13.49 0.07 9.86
N VAL B 64 13.40 -0.15 8.55
CA VAL B 64 12.09 -0.16 7.90
C VAL B 64 11.85 -1.53 7.28
N VAL B 65 12.36 -2.54 7.96
CA VAL B 65 12.24 -3.93 7.49
C VAL B 65 11.52 -4.78 8.53
N ASP B 66 10.95 -5.89 8.07
CA ASP B 66 10.33 -6.85 8.99
C ASP B 66 11.38 -7.85 9.53
N ASP B 67 10.92 -8.86 10.29
CA ASP B 67 11.84 -9.85 10.87
C ASP B 67 12.63 -10.66 9.84
N ASN B 68 12.14 -10.70 8.61
CA ASN B 68 12.81 -11.46 7.57
C ASN B 68 13.73 -10.59 6.72
N GLY B 69 13.76 -9.29 7.02
CA GLY B 69 14.52 -8.33 6.24
C GLY B 69 13.77 -7.73 5.06
N ASP B 70 12.51 -8.12 4.88
CA ASP B 70 11.70 -7.53 3.81
C ASP B 70 11.24 -6.14 4.19
N VAL B 71 11.11 -5.27 3.19
CA VAL B 71 10.71 -3.90 3.49
C VAL B 71 9.30 -3.90 4.02
N HIS B 72 9.10 -3.12 5.08
CA HIS B 72 7.79 -2.92 5.67
C HIS B 72 7.36 -1.55 5.23
N LEU B 73 6.46 -1.49 4.25
CA LEU B 73 6.15 -0.22 3.62
C LEU B 73 5.52 0.80 4.57
N GLU B 74 4.84 0.32 5.60
CA GLU B 74 4.25 1.25 6.59
C GLU B 74 5.34 1.89 7.42
N LYS B 75 6.27 1.08 7.93
CA LYS B 75 7.42 1.62 8.66
CA LYS B 75 7.43 1.60 8.66
C LYS B 75 8.20 2.61 7.80
N LEU B 76 8.36 2.28 6.51
CA LEU B 76 9.05 3.18 5.59
C LEU B 76 8.30 4.52 5.47
N HIS B 77 7.00 4.44 5.24
CA HIS B 77 6.20 5.63 5.12
C HIS B 77 6.28 6.49 6.36
N ASP B 78 6.17 5.87 7.54
CA ASP B 78 6.25 6.57 8.83
C ASP B 78 7.58 7.31 8.98
N SER B 79 8.65 6.75 8.41
CA SER B 79 10.00 7.32 8.57
C SER B 79 10.28 8.53 7.70
N LEU B 80 9.43 8.74 6.69
CA LEU B 80 9.62 9.85 5.76
C LEU B 80 9.03 11.15 6.30
N PRO B 81 9.59 12.30 5.91
CA PRO B 81 8.97 13.57 6.30
C PRO B 81 7.50 13.61 5.89
N SER B 82 6.67 14.18 6.75
N SER B 82 6.67 14.18 6.76
CA SER B 82 5.23 14.28 6.47
CA SER B 82 5.24 14.34 6.48
C SER B 82 4.96 15.08 5.19
C SER B 82 4.99 15.05 5.16
N SER B 83 5.88 15.97 4.82
CA SER B 83 5.76 16.77 3.58
C SER B 83 5.73 15.91 2.32
N MET B 84 6.31 14.71 2.38
CA MET B 84 6.31 13.88 1.19
C MET B 84 5.41 12.65 1.33
N HIS B 85 4.55 12.65 2.34
CA HIS B 85 3.69 11.48 2.55
C HIS B 85 2.77 11.16 1.38
N ASP B 86 2.11 12.17 0.81
N ASP B 86 2.12 12.19 0.82
CA ASP B 86 1.18 11.94 -0.29
CA ASP B 86 1.18 11.98 -0.28
C ASP B 86 1.91 11.51 -1.55
C ASP B 86 1.91 11.52 -1.54
N ILE B 87 2.98 12.23 -1.90
CA ILE B 87 3.83 11.85 -3.06
C ILE B 87 4.35 10.42 -2.92
N ALA B 88 4.82 10.08 -1.72
CA ALA B 88 5.29 8.72 -1.46
C ALA B 88 4.21 7.67 -1.66
N MET B 89 3.00 7.94 -1.19
N MET B 89 2.99 7.92 -1.21
CA MET B 89 1.90 7.00 -1.31
CA MET B 89 1.99 6.87 -1.32
C MET B 89 1.64 6.70 -2.77
C MET B 89 1.55 6.69 -2.78
N HIS B 90 1.57 7.75 -3.58
CA HIS B 90 1.26 7.60 -4.99
C HIS B 90 2.37 6.89 -5.73
N MET B 91 3.60 7.18 -5.32
CA MET B 91 4.79 6.55 -5.90
C MET B 91 4.80 5.05 -5.62
N GLY B 92 4.31 4.64 -4.46
CA GLY B 92 4.34 3.23 -4.05
C GLY B 92 3.07 2.43 -4.25
N LYS B 93 1.99 3.07 -4.71
CA LYS B 93 0.68 2.40 -4.78
C LYS B 93 0.59 1.25 -5.78
N ARG B 94 1.41 1.27 -6.82
CA ARG B 94 1.49 0.10 -7.68
C ARG B 94 2.82 -0.65 -7.49
N CYS B 95 3.41 -0.51 -6.29
CA CYS B 95 4.72 -1.08 -5.98
C CYS B 95 4.64 -1.80 -4.63
N LEU B 96 3.51 -2.44 -4.36
CA LEU B 96 3.30 -3.01 -3.03
C LEU B 96 3.99 -4.33 -2.75
N TYR B 97 4.25 -5.10 -3.82
CA TYR B 97 4.61 -6.50 -3.69
C TYR B 97 5.89 -6.84 -4.45
N PRO B 98 7.04 -6.54 -3.82
CA PRO B 98 8.32 -6.74 -4.47
C PRO B 98 8.56 -8.17 -4.91
N GLU B 99 9.19 -8.33 -6.06
CA GLU B 99 9.56 -9.64 -6.57
C GLU B 99 11.06 -9.77 -6.65
N GLY B 100 11.55 -10.99 -6.52
CA GLY B 100 13.00 -11.18 -6.48
C GLY B 100 13.43 -12.26 -5.52
N GLU B 101 14.53 -12.91 -5.87
CA GLU B 101 15.03 -14.03 -5.09
C GLU B 101 15.63 -13.56 -3.78
N THR B 102 16.45 -12.52 -3.83
CA THR B 102 17.17 -12.04 -2.66
C THR B 102 16.61 -10.72 -2.14
N LEU B 103 17.00 -10.38 -0.93
CA LEU B 103 16.64 -9.08 -0.39
C LEU B 103 17.18 -7.93 -1.24
N CYS B 104 18.38 -8.08 -1.80
CA CYS B 104 18.86 -7.04 -2.69
C CYS B 104 17.99 -6.95 -3.94
N ASP B 105 17.57 -8.09 -4.50
CA ASP B 105 16.71 -8.04 -5.67
C ASP B 105 15.39 -7.33 -5.36
N LYS B 106 14.79 -7.65 -4.21
CA LYS B 106 13.50 -7.04 -3.86
C LYS B 106 13.66 -5.55 -3.56
N ALA B 107 14.79 -5.16 -2.98
CA ALA B 107 15.01 -3.75 -2.68
C ALA B 107 15.15 -2.96 -3.98
N PHE B 108 15.89 -3.54 -4.91
CA PHE B 108 16.04 -2.92 -6.21
C PHE B 108 14.70 -2.86 -6.92
N TRP B 109 13.92 -3.93 -6.83
CA TRP B 109 12.59 -3.95 -7.43
C TRP B 109 11.78 -2.74 -7.00
N LEU B 110 11.79 -2.45 -5.70
CA LEU B 110 11.08 -1.30 -5.12
C LEU B 110 11.58 0.01 -5.69
N HIS B 111 12.90 0.22 -5.66
CA HIS B 111 13.45 1.47 -6.19
C HIS B 111 13.12 1.69 -7.64
N LYS B 112 13.26 0.64 -8.43
CA LYS B 112 12.94 0.72 -9.85
C LYS B 112 11.45 1.02 -10.06
N CYS B 113 10.58 0.37 -9.29
CA CYS B 113 9.14 0.59 -9.41
C CYS B 113 8.80 2.03 -9.05
N TRP B 114 9.42 2.54 -7.98
CA TRP B 114 9.15 3.93 -7.56
C TRP B 114 9.64 4.90 -8.63
N LYS B 115 10.84 4.67 -9.15
CA LYS B 115 11.43 5.56 -10.17
C LYS B 115 10.59 5.56 -11.44
N GLN B 116 10.04 4.40 -11.82
CA GLN B 116 9.16 4.33 -12.99
C GLN B 116 7.85 5.09 -12.76
N SER B 117 7.38 5.05 -11.52
N SER B 117 7.36 5.04 -11.52
CA SER B 117 6.10 5.63 -11.12
CA SER B 117 6.07 5.65 -11.15
C SER B 117 6.16 7.15 -11.04
C SER B 117 6.16 7.17 -11.07
N ASP B 118 7.24 7.68 -10.50
CA ASP B 118 7.37 9.11 -10.30
C ASP B 118 8.84 9.50 -10.43
N PRO B 119 9.35 9.54 -11.67
CA PRO B 119 10.77 9.87 -11.84
C PRO B 119 11.16 11.25 -11.35
N LYS B 120 10.21 12.18 -11.32
CA LYS B 120 10.50 13.52 -10.85
C LYS B 120 10.83 13.54 -9.35
N HIS B 121 10.07 12.79 -8.57
CA HIS B 121 10.22 12.81 -7.12
C HIS B 121 11.00 11.65 -6.54
N TYR B 122 11.24 10.62 -7.36
CA TYR B 122 12.16 9.60 -6.95
C TYR B 122 13.58 10.19 -6.79
N PHE B 123 14.31 9.72 -5.78
CA PHE B 123 15.70 10.07 -5.65
C PHE B 123 16.40 8.97 -4.85
N LEU B 124 17.72 8.98 -4.89
CA LEU B 124 18.50 8.07 -4.06
C LEU B 124 19.75 8.84 -3.68
N VAL B 125 20.15 8.72 -2.43
CA VAL B 125 21.45 9.27 -2.07
C VAL B 125 22.23 8.24 -1.28
MG MG C . -11.40 -18.99 13.68
C MOH D . -6.97 -12.16 -10.69
O MOH D . -7.82 -13.27 -11.05
C MOH E . -26.51 -3.84 2.40
O MOH E . -26.31 -5.00 1.54
CAA DE3 F . -6.17 -0.13 -0.73
CAB DE3 F . -7.21 0.19 0.15
CAC DE3 F . -6.46 -0.71 -1.96
CAD DE3 F . -8.53 -0.03 -0.23
CAE DE3 F . -8.82 -0.59 -1.47
CAF DE3 F . -7.78 -0.93 -2.34
CAG DE3 F . -9.68 0.35 0.71
CAH DE3 F . -4.72 0.10 -0.28
CAI DE3 F . -2.33 2.23 0.09
CAJ DE3 F . -4.22 1.16 -2.49
CAK DE3 F . -2.45 0.94 -0.72
CAL DE3 F . -3.39 0.44 -3.51
NAM DE3 F . -3.86 0.75 -1.12
OAN DE3 F . -4.37 -0.28 0.84
CAJ PEU G . -17.20 -6.35 -9.83
OAK PEU G . -16.92 -5.25 -8.97
CAL PEU G . -16.03 -5.62 -7.92
CAM PEU G . -15.55 -4.40 -7.14
OAN PEU G . -14.40 -4.70 -6.35
CAO PEU G . -14.67 -5.50 -5.19
CAP PEU G . -14.84 -4.65 -3.94
OAQ PEU G . -14.97 -5.50 -2.79
CAR PEU G . -15.60 -4.89 -1.65
CAS PEU G . -15.59 -3.36 -1.69
OAT PEU G . -16.22 -2.86 -0.52
CAU PEU G . -15.95 -1.47 -0.26
CAV PEU G . -14.63 -1.29 0.51
OAW PEU G . -14.02 -0.08 0.04
CL CL H . -4.97 6.19 -7.25
MG MG I . -23.79 -10.83 15.75
C MOH J . 22.85 -4.86 4.84
O MOH J . 24.05 -4.61 4.04
C MOH K . 12.67 6.57 -15.15
O MOH K . 11.23 6.45 -15.00
C MOH L . 9.26 20.21 -9.88
O MOH L . 10.43 19.99 -10.73
C MOH M . 12.85 -2.25 -17.80
O MOH M . 12.42 -3.51 -17.20
C MOH N . 29.20 11.49 2.66
O MOH N . 27.92 11.29 3.33
C MOH O . 7.18 -3.07 -11.42
O MOH O . 8.38 -2.40 -11.88
CAA DE3 P . 5.18 3.58 0.21
CAB DE3 P . 5.92 4.13 -0.85
CAC DE3 P . 5.63 3.72 1.51
CAD DE3 P . 7.09 4.84 -0.60
CAE DE3 P . 7.52 4.98 0.70
CAF DE3 P . 6.79 4.42 1.76
CAG DE3 P . 7.91 5.47 -1.74
CAH DE3 P . 3.92 2.79 -0.11
CAI DE3 P . 0.88 2.84 -1.06
CAJ DE3 P . 2.66 3.95 1.69
CAK DE3 P . 1.54 2.25 0.19
CAL DE3 P . 2.18 3.25 2.94
NAM DE3 P . 2.75 3.03 0.54
OAN DE3 P . 4.00 1.94 -1.01
CAJ PEU Q . 11.36 7.97 -2.38
OAK PEU Q . 12.34 7.75 -1.37
CAL PEU Q . 13.49 7.08 -1.88
CAM PEU Q . 14.69 7.42 -0.99
OAN PEU Q . 15.44 6.26 -0.64
CAO PEU Q . 14.83 5.55 0.45
CAP PEU Q . 15.88 5.14 1.49
OAQ PEU Q . 15.27 4.65 2.67
CAR PEU Q . 14.65 5.67 3.45
CAS PEU Q . 14.74 5.29 4.92
OAT PEU Q . 14.21 6.31 5.77
CAU PEU Q . 15.24 7.15 6.28
CAV PEU Q . 14.78 7.86 7.53
OAW PEU Q . 15.81 7.73 8.53
CL CL R . 15.27 4.97 -17.23
#